data_6UV3
#
_entry.id   6UV3
#
_cell.length_a   112.327
_cell.length_b   112.327
_cell.length_c   99.094
_cell.angle_alpha   90.000
_cell.angle_beta   90.000
_cell.angle_gamma   120.000
#
_symmetry.space_group_name_H-M   'P 31 2 1'
#
loop_
_entity.id
_entity.type
_entity.pdbx_description
1 polymer 'Probable ATP-dependent RNA helicase DDX17'
2 polymer 125a-oligo2
3 non-polymer "ADENOSINE-5'-DIPHOSPHATE"
4 non-polymer 'BERYLLIUM TRIFLUORIDE ION'
5 non-polymer 'MAGNESIUM ION'
6 water water
#
loop_
_entity_poly.entity_id
_entity_poly.type
_entity_poly.pdbx_seq_one_letter_code
_entity_poly.pdbx_strand_id
1 'polypeptide(L)'
;SGGNPGERLRKKKWDLSELPKFEKNFYVEHPEVARLTPYEVDELRRKKEITVRGGDVCPKPVFAFHHANFPQYVMDVLMD
QHFTEPTPIQCQGFPLALSGRDMVGIAQTGSGKTLAYLLPAIVHINHQPYLERGDGPICLVLAPTRELAQQVQQVADDYG
KCSRLKSTCIYGGAPKGPQIRDLERGVEICIATPGRLIDFLESGKTNLRRCTYLVLDEADRMLDMGFEPQIRKIVDQIRP
DRQTLMWSATWPKEVRQLAEDFLRDYTQINVGNLELSANHNILQIVDVCMESEKDHKLIQLMEEIMAEKENKTIIFVETK
RRCDDLTRRMRRDGWPAMCIHGDKSQPERDWVLNEFRSGKAPILIATDVASRGLDVEDVKFVINYDYPNSSEDYVHRIGR
TARSTNKGTAYTFFTPGNLKQARELIKVLEEANQAINPKLMQLVDHRG
;
A
2 'polyribonucleotide' ACACACCUGG B
#
# COMPACT_ATOMS: atom_id res chain seq x y z
N LEU A 19 7.30 -15.52 28.03
CA LEU A 19 6.87 -15.17 26.66
C LEU A 19 5.88 -16.23 26.15
N PRO A 20 4.60 -15.89 25.83
CA PRO A 20 3.63 -16.88 25.35
C PRO A 20 4.20 -17.52 24.08
N LYS A 21 4.05 -18.83 24.00
CA LYS A 21 4.69 -19.61 22.93
C LYS A 21 4.15 -19.21 21.58
N PHE A 22 5.06 -19.12 20.64
CA PHE A 22 4.73 -18.71 19.27
C PHE A 22 4.62 -19.98 18.41
N GLU A 23 3.40 -20.31 18.01
CA GLU A 23 3.15 -21.45 17.12
C GLU A 23 3.43 -20.93 15.73
N LYS A 24 4.34 -21.57 15.01
CA LYS A 24 4.82 -21.05 13.72
C LYS A 24 4.49 -22.01 12.58
N ASN A 25 4.19 -23.27 12.91
CA ASN A 25 4.02 -24.37 11.92
C ASN A 25 2.56 -24.79 11.78
N PHE A 26 1.76 -24.02 11.06
CA PHE A 26 0.35 -24.40 10.90
C PHE A 26 -0.14 -24.41 9.46
N TYR A 27 0.68 -24.03 8.48
CA TYR A 27 0.27 -24.10 7.09
C TYR A 27 0.12 -25.55 6.65
N VAL A 28 -1.04 -25.88 6.08
CA VAL A 28 -1.31 -27.20 5.54
C VAL A 28 -1.51 -27.05 4.04
N GLU A 29 -0.57 -27.59 3.26
CA GLU A 29 -0.64 -27.45 1.82
C GLU A 29 -1.73 -28.34 1.22
N HIS A 30 -2.59 -27.72 0.40
CA HIS A 30 -3.70 -28.42 -0.24
C HIS A 30 -3.17 -29.47 -1.22
N PRO A 31 -3.82 -30.63 -1.32
CA PRO A 31 -3.34 -31.65 -2.28
C PRO A 31 -3.30 -31.18 -3.74
N GLU A 32 -4.17 -30.26 -4.16
CA GLU A 32 -4.15 -29.75 -5.53
C GLU A 32 -2.89 -28.93 -5.78
N VAL A 33 -2.32 -28.37 -4.74
CA VAL A 33 -1.06 -27.62 -4.83
C VAL A 33 0.14 -28.56 -4.68
N ALA A 34 0.07 -29.47 -3.69
CA ALA A 34 1.21 -30.34 -3.39
C ALA A 34 1.59 -31.22 -4.56
N ARG A 35 0.63 -31.57 -5.42
CA ARG A 35 0.94 -32.50 -6.50
C ARG A 35 1.67 -31.85 -7.68
N LEU A 36 1.82 -30.53 -7.70
CA LEU A 36 2.52 -29.90 -8.83
C LEU A 36 4.02 -30.21 -8.77
N THR A 37 4.59 -30.57 -9.90
CA THR A 37 6.04 -30.75 -9.99
C THR A 37 6.73 -29.40 -10.05
N PRO A 38 8.06 -29.37 -9.88
CA PRO A 38 8.77 -28.08 -9.94
C PRO A 38 8.58 -27.35 -11.25
N TYR A 39 8.62 -28.06 -12.39
CA TYR A 39 8.36 -27.37 -13.63
C TYR A 39 6.94 -26.83 -13.69
N GLU A 40 5.96 -27.60 -13.20
CA GLU A 40 4.58 -27.12 -13.22
C GLU A 40 4.41 -25.89 -12.34
N VAL A 41 5.09 -25.86 -11.20
CA VAL A 41 5.10 -24.67 -10.35
C VAL A 41 5.71 -23.49 -11.10
N ASP A 42 6.84 -23.72 -11.79
CA ASP A 42 7.46 -22.63 -12.53
C ASP A 42 6.53 -22.10 -13.60
N GLU A 43 5.75 -22.98 -14.23
CA GLU A 43 4.83 -22.52 -15.26
C GLU A 43 3.62 -21.78 -14.67
N LEU A 44 3.16 -22.21 -13.49
CA LEU A 44 2.10 -21.48 -12.79
C LEU A 44 2.60 -20.07 -12.44
N ARG A 45 3.83 -20.00 -11.91
CA ARG A 45 4.42 -18.69 -11.61
C ARG A 45 4.56 -17.86 -12.89
N ARG A 46 5.01 -18.49 -13.98
CA ARG A 46 5.16 -17.75 -15.22
C ARG A 46 3.83 -17.15 -15.68
N LYS A 47 2.75 -17.93 -15.62
CA LYS A 47 1.44 -17.46 -16.06
C LYS A 47 0.98 -16.28 -15.22
N LYS A 48 1.32 -16.27 -13.93
CA LYS A 48 0.94 -15.17 -13.05
C LYS A 48 2.02 -14.09 -12.91
N GLU A 49 3.11 -14.20 -13.68
CA GLU A 49 4.26 -13.28 -13.64
C GLU A 49 4.88 -13.18 -12.23
N ILE A 50 4.89 -14.29 -11.51
CA ILE A 50 5.53 -14.38 -10.19
C ILE A 50 6.98 -14.79 -10.37
N THR A 51 7.89 -14.06 -9.73
CA THR A 51 9.28 -14.48 -9.61
C THR A 51 9.65 -14.61 -8.14
N VAL A 52 10.21 -15.75 -7.75
CA VAL A 52 10.75 -15.95 -6.42
C VAL A 52 12.26 -15.83 -6.52
N ARG A 53 12.86 -15.04 -5.63
CA ARG A 53 14.31 -14.83 -5.69
C ARG A 53 15.07 -16.14 -5.53
N GLY A 54 16.11 -16.31 -6.34
CA GLY A 54 16.87 -17.55 -6.34
C GLY A 54 17.57 -17.80 -5.01
N GLY A 55 17.50 -19.06 -4.57
CA GLY A 55 18.12 -19.50 -3.33
C GLY A 55 17.22 -19.44 -2.11
N ASP A 56 16.07 -18.75 -2.21
CA ASP A 56 15.14 -18.66 -1.09
C ASP A 56 14.27 -19.90 -1.00
N VAL A 57 13.97 -20.33 0.22
CA VAL A 57 12.98 -21.39 0.39
C VAL A 57 11.59 -20.76 0.24
N CYS A 58 10.69 -21.43 -0.50
CA CYS A 58 9.40 -20.81 -0.72
C CYS A 58 8.35 -21.89 -0.99
N PRO A 59 7.21 -21.87 -0.32
CA PRO A 59 6.17 -22.83 -0.67
C PRO A 59 5.62 -22.61 -2.07
N LYS A 60 5.05 -23.69 -2.64
CA LYS A 60 4.38 -23.56 -3.92
C LYS A 60 3.25 -22.52 -3.83
N PRO A 61 2.99 -21.78 -4.91
CA PRO A 61 1.85 -20.85 -4.89
C PRO A 61 0.54 -21.60 -4.87
N VAL A 62 -0.45 -20.99 -4.21
CA VAL A 62 -1.82 -21.51 -4.33
C VAL A 62 -2.44 -20.93 -5.59
N PHE A 63 -3.62 -21.41 -5.98
CA PHE A 63 -4.30 -20.77 -7.09
C PHE A 63 -5.81 -20.68 -6.88
N ALA A 64 -6.29 -20.99 -5.68
CA ALA A 64 -7.69 -20.81 -5.31
C ALA A 64 -7.77 -20.44 -3.84
N PHE A 65 -8.82 -19.68 -3.47
CA PHE A 65 -8.95 -19.28 -2.07
C PHE A 65 -9.05 -20.48 -1.14
N HIS A 66 -9.69 -21.58 -1.58
CA HIS A 66 -9.84 -22.70 -0.66
C HIS A 66 -8.54 -23.46 -0.42
N HIS A 67 -7.46 -23.15 -1.13
CA HIS A 67 -6.13 -23.66 -0.78
C HIS A 67 -5.52 -23.00 0.45
N ALA A 68 -6.06 -21.86 0.91
CA ALA A 68 -5.29 -20.94 1.74
C ALA A 68 -5.56 -21.04 3.23
N ASN A 69 -6.17 -22.12 3.70
CA ASN A 69 -6.28 -22.40 5.13
C ASN A 69 -7.20 -21.42 5.88
N PHE A 70 -8.09 -20.72 5.18
CA PHE A 70 -8.79 -19.62 5.85
C PHE A 70 -9.97 -20.14 6.65
N PRO A 71 -10.31 -19.46 7.76
CA PRO A 71 -11.53 -19.81 8.50
C PRO A 71 -12.75 -19.72 7.61
N GLN A 72 -13.74 -20.57 7.91
CA GLN A 72 -14.94 -20.60 7.08
C GLN A 72 -15.60 -19.23 7.00
N TYR A 73 -15.61 -18.47 8.11
CA TYR A 73 -16.25 -17.16 8.07
C TYR A 73 -15.49 -16.19 7.16
N VAL A 74 -14.17 -16.28 7.11
CA VAL A 74 -13.42 -15.47 6.15
C VAL A 74 -13.81 -15.83 4.72
N MET A 75 -13.90 -17.13 4.43
CA MET A 75 -14.35 -17.54 3.10
C MET A 75 -15.74 -17.00 2.80
N ASP A 76 -16.62 -16.99 3.81
CA ASP A 76 -17.96 -16.48 3.62
C ASP A 76 -17.94 -15.00 3.25
N VAL A 77 -17.10 -14.22 3.92
CA VAL A 77 -16.98 -12.80 3.57
C VAL A 77 -16.40 -12.63 2.17
N LEU A 78 -15.39 -13.41 1.82
CA LEU A 78 -14.81 -13.28 0.49
C LEU A 78 -15.85 -13.58 -0.59
N MET A 79 -16.66 -14.63 -0.39
CA MET A 79 -17.64 -14.93 -1.41
C MET A 79 -18.75 -13.89 -1.44
N ASP A 80 -19.09 -13.33 -0.27
CA ASP A 80 -20.12 -12.29 -0.25
C ASP A 80 -19.68 -11.04 -1.01
N GLN A 81 -18.38 -10.77 -1.04
CA GLN A 81 -17.86 -9.61 -1.76
C GLN A 81 -17.52 -9.94 -3.20
N HIS A 82 -17.88 -11.14 -3.67
CA HIS A 82 -17.71 -11.56 -5.06
C HIS A 82 -16.25 -11.65 -5.47
N PHE A 83 -15.36 -11.90 -4.53
CA PHE A 83 -14.01 -12.29 -4.90
C PHE A 83 -14.04 -13.75 -5.35
N THR A 84 -13.47 -14.02 -6.51
CA THR A 84 -13.50 -15.36 -7.08
C THR A 84 -12.16 -16.07 -7.08
N GLU A 85 -11.05 -15.33 -7.19
CA GLU A 85 -9.75 -15.93 -7.42
C GLU A 85 -8.71 -15.03 -6.78
N PRO A 86 -7.71 -15.58 -6.10
CA PRO A 86 -6.63 -14.73 -5.56
C PRO A 86 -5.86 -14.06 -6.68
N THR A 87 -5.39 -12.83 -6.40
CA THR A 87 -4.50 -12.13 -7.33
C THR A 87 -3.12 -12.81 -7.29
N PRO A 88 -2.23 -12.50 -8.25
CA PRO A 88 -0.90 -13.17 -8.24
C PRO A 88 -0.14 -13.00 -6.93
N ILE A 89 -0.12 -11.78 -6.36
CA ILE A 89 0.61 -11.60 -5.12
C ILE A 89 -0.04 -12.36 -3.98
N GLN A 90 -1.35 -12.58 -4.03
CA GLN A 90 -2.02 -13.43 -3.06
C GLN A 90 -1.70 -14.90 -3.30
N CYS A 91 -1.65 -15.33 -4.57
CA CYS A 91 -1.31 -16.72 -4.87
C CYS A 91 0.01 -17.12 -4.25
N GLN A 92 1.04 -16.25 -4.37
CA GLN A 92 2.32 -16.65 -3.79
C GLN A 92 2.48 -16.15 -2.35
N GLY A 93 1.86 -15.02 -2.00
CA GLY A 93 2.03 -14.43 -0.70
C GLY A 93 1.26 -15.12 0.40
N PHE A 94 0.04 -15.61 0.10
CA PHE A 94 -0.71 -16.33 1.12
C PHE A 94 0.11 -17.50 1.68
N PRO A 95 0.56 -18.47 0.88
CA PRO A 95 1.27 -19.61 1.49
C PRO A 95 2.61 -19.22 2.09
N LEU A 96 3.34 -18.26 1.49
CA LEU A 96 4.59 -17.83 2.09
C LEU A 96 4.35 -17.24 3.48
N ALA A 97 3.37 -16.33 3.59
CA ALA A 97 3.05 -15.74 4.89
C ALA A 97 2.55 -16.79 5.86
N LEU A 98 1.65 -17.67 5.42
CA LEU A 98 1.13 -18.72 6.29
C LEU A 98 2.22 -19.66 6.80
N SER A 99 3.31 -19.86 6.03
CA SER A 99 4.38 -20.76 6.43
C SER A 99 5.23 -20.20 7.57
N GLY A 100 5.08 -18.92 7.91
CA GLY A 100 5.84 -18.32 8.99
C GLY A 100 7.15 -17.70 8.56
N ARG A 101 7.48 -17.72 7.27
CA ARG A 101 8.77 -17.19 6.81
C ARG A 101 8.73 -15.67 6.71
N ASP A 102 9.86 -15.04 7.06
CA ASP A 102 10.03 -13.62 6.77
C ASP A 102 9.99 -13.42 5.26
N MET A 103 9.44 -12.30 4.83
CA MET A 103 9.30 -12.14 3.37
C MET A 103 9.22 -10.69 2.96
N VAL A 104 9.52 -10.47 1.67
CA VAL A 104 9.31 -9.21 0.95
C VAL A 104 8.41 -9.54 -0.24
N GLY A 105 7.25 -8.86 -0.33
CA GLY A 105 6.29 -9.09 -1.39
C GLY A 105 6.06 -7.84 -2.21
N ILE A 106 6.50 -7.88 -3.48
CA ILE A 106 6.46 -6.73 -4.37
C ILE A 106 5.46 -7.02 -5.48
N ALA A 107 4.48 -6.15 -5.66
CA ALA A 107 3.51 -6.33 -6.74
C ALA A 107 2.86 -4.99 -7.05
N GLN A 108 2.23 -4.92 -8.23
CA GLN A 108 1.72 -3.65 -8.73
C GLN A 108 0.68 -3.02 -7.82
N THR A 109 0.58 -1.70 -7.93
CA THR A 109 -0.48 -0.98 -7.24
C THR A 109 -1.84 -1.57 -7.60
N GLY A 110 -2.71 -1.67 -6.59
CA GLY A 110 -4.07 -2.11 -6.82
C GLY A 110 -4.23 -3.60 -7.00
N SER A 111 -3.20 -4.38 -6.71
CA SER A 111 -3.25 -5.82 -6.99
C SER A 111 -3.49 -6.69 -5.75
N GLY A 112 -3.90 -6.12 -4.62
CA GLY A 112 -4.39 -6.89 -3.49
C GLY A 112 -3.38 -7.23 -2.41
N LYS A 113 -2.34 -6.42 -2.24
CA LYS A 113 -1.36 -6.71 -1.20
C LYS A 113 -1.96 -6.65 0.21
N THR A 114 -2.99 -5.80 0.44
CA THR A 114 -3.51 -5.68 1.82
C THR A 114 -4.04 -7.02 2.32
N LEU A 115 -4.90 -7.68 1.54
CA LEU A 115 -5.40 -8.97 1.98
C LEU A 115 -4.32 -10.03 1.95
N ALA A 116 -3.32 -9.86 1.06
CA ALA A 116 -2.20 -10.79 1.05
C ALA A 116 -1.52 -10.87 2.42
N TYR A 117 -1.45 -9.74 3.17
CA TYR A 117 -0.90 -9.89 4.51
C TYR A 117 -1.94 -9.98 5.63
N LEU A 118 -3.16 -9.43 5.44
CA LEU A 118 -4.13 -9.45 6.53
C LEU A 118 -4.76 -10.83 6.73
N LEU A 119 -5.03 -11.57 5.63
CA LEU A 119 -5.73 -12.83 5.88
C LEU A 119 -4.81 -13.87 6.53
N PRO A 120 -3.54 -13.99 6.10
CA PRO A 120 -2.64 -14.84 6.89
C PRO A 120 -2.44 -14.35 8.30
N ALA A 121 -2.56 -13.03 8.57
CA ALA A 121 -2.44 -12.55 9.93
C ALA A 121 -3.55 -13.13 10.80
N ILE A 122 -4.76 -13.19 10.25
CA ILE A 122 -5.89 -13.74 10.98
C ILE A 122 -5.63 -15.21 11.32
N VAL A 123 -5.14 -15.98 10.33
CA VAL A 123 -4.86 -17.39 10.63
C VAL A 123 -3.77 -17.51 11.70
N HIS A 124 -2.72 -16.70 11.57
CA HIS A 124 -1.64 -16.66 12.53
C HIS A 124 -2.18 -16.40 13.94
N ILE A 125 -3.00 -15.38 14.08
CA ILE A 125 -3.55 -15.00 15.38
C ILE A 125 -4.38 -16.13 15.95
N ASN A 126 -5.20 -16.76 15.10
CA ASN A 126 -6.08 -17.84 15.55
C ASN A 126 -5.30 -19.05 16.05
N HIS A 127 -4.05 -19.21 15.65
CA HIS A 127 -3.25 -20.29 16.23
C HIS A 127 -2.46 -19.89 17.48
N GLN A 128 -2.61 -18.68 17.99
CA GLN A 128 -1.88 -18.30 19.19
C GLN A 128 -2.79 -18.34 20.41
N PRO A 129 -2.22 -18.41 21.62
CA PRO A 129 -3.06 -18.29 22.83
C PRO A 129 -3.80 -16.95 22.85
N TYR A 130 -4.93 -16.96 23.54
CA TYR A 130 -5.80 -15.79 23.58
C TYR A 130 -5.07 -14.64 24.28
N LEU A 131 -5.44 -13.40 23.92
CA LEU A 131 -4.88 -12.23 24.58
C LEU A 131 -5.27 -12.22 26.05
N GLU A 132 -4.29 -12.03 26.92
CA GLU A 132 -4.57 -11.88 28.34
C GLU A 132 -4.66 -10.38 28.65
N ARG A 133 -4.60 -10.01 29.92
CA ARG A 133 -4.59 -8.61 30.31
C ARG A 133 -3.15 -8.15 30.48
N GLY A 134 -2.87 -6.92 30.05
CA GLY A 134 -1.50 -6.45 29.88
C GLY A 134 -0.88 -6.83 28.56
N ASP A 135 -1.63 -7.51 27.69
CA ASP A 135 -1.11 -8.04 26.43
C ASP A 135 -1.27 -7.01 25.31
N GLY A 136 -0.16 -6.70 24.64
CA GLY A 136 -0.20 -5.93 23.43
C GLY A 136 -0.62 -6.77 22.23
N PRO A 137 -0.55 -6.16 21.05
CA PRO A 137 -1.08 -6.82 19.84
C PRO A 137 -0.20 -7.98 19.37
N ILE A 138 -0.83 -8.90 18.65
CA ILE A 138 -0.11 -10.01 18.03
C ILE A 138 0.39 -9.62 16.63
N CYS A 139 -0.45 -8.94 15.87
CA CYS A 139 -0.11 -8.44 14.54
C CYS A 139 0.00 -6.93 14.61
N LEU A 140 1.13 -6.40 14.13
CA LEU A 140 1.36 -4.96 14.05
C LEU A 140 1.66 -4.62 12.60
N VAL A 141 0.88 -3.70 12.03
CA VAL A 141 1.07 -3.24 10.65
C VAL A 141 1.47 -1.79 10.73
N LEU A 142 2.60 -1.44 10.12
CA LEU A 142 3.07 -0.04 10.06
C LEU A 142 2.83 0.51 8.67
N ALA A 143 2.36 1.78 8.61
CA ALA A 143 2.06 2.44 7.36
C ALA A 143 2.52 3.87 7.40
N PRO A 144 2.78 4.50 6.23
CA PRO A 144 3.41 5.84 6.22
C PRO A 144 2.46 7.00 6.41
N THR A 145 1.14 6.82 6.28
CA THR A 145 0.24 7.94 6.49
C THR A 145 -0.96 7.54 7.33
N ARG A 146 -1.54 8.54 7.98
CA ARG A 146 -2.65 8.29 8.89
C ARG A 146 -3.86 7.76 8.13
N GLU A 147 -4.19 8.32 6.96
CA GLU A 147 -5.35 7.83 6.22
C GLU A 147 -5.16 6.40 5.74
N LEU A 148 -3.92 6.04 5.36
CA LEU A 148 -3.69 4.67 4.93
C LEU A 148 -3.83 3.72 6.10
N ALA A 149 -3.30 4.09 7.27
CA ALA A 149 -3.48 3.27 8.46
C ALA A 149 -4.97 3.05 8.76
N GLN A 150 -5.79 4.11 8.66
CA GLN A 150 -7.22 3.95 8.90
C GLN A 150 -7.87 3.02 7.86
N GLN A 151 -7.46 3.15 6.59
CA GLN A 151 -8.02 2.30 5.55
C GLN A 151 -7.70 0.83 5.82
N VAL A 152 -6.43 0.53 6.14
CA VAL A 152 -6.05 -0.85 6.42
C VAL A 152 -6.82 -1.39 7.63
N GLN A 153 -7.02 -0.56 8.66
CA GLN A 153 -7.78 -1.02 9.82
C GLN A 153 -9.21 -1.36 9.44
N GLN A 154 -9.83 -0.59 8.54
CA GLN A 154 -11.19 -0.88 8.11
C GLN A 154 -11.26 -2.24 7.41
N VAL A 155 -10.27 -2.52 6.54
CA VAL A 155 -10.24 -3.83 5.90
C VAL A 155 -10.07 -4.94 6.95
N ALA A 156 -9.17 -4.72 7.91
CA ALA A 156 -8.89 -5.70 8.94
C ALA A 156 -10.11 -5.97 9.79
N ASP A 157 -10.91 -4.95 10.06
CA ASP A 157 -12.07 -5.18 10.90
C ASP A 157 -13.09 -6.00 10.15
N ASP A 158 -13.31 -5.66 8.87
CA ASP A 158 -14.21 -6.44 8.03
C ASP A 158 -13.91 -7.94 8.15
N TYR A 159 -12.63 -8.31 8.12
CA TYR A 159 -12.34 -9.74 8.15
C TYR A 159 -12.04 -10.30 9.54
N GLY A 160 -11.44 -9.50 10.41
CA GLY A 160 -11.08 -9.91 11.77
C GLY A 160 -12.29 -10.21 12.63
N LYS A 161 -13.41 -9.58 12.34
CA LYS A 161 -14.71 -9.76 13.06
C LYS A 161 -15.15 -11.24 12.92
N CYS A 162 -14.84 -11.88 11.80
CA CYS A 162 -15.17 -13.30 11.54
C CYS A 162 -14.58 -14.19 12.64
N SER A 163 -13.39 -13.90 13.15
CA SER A 163 -12.78 -14.72 14.21
C SER A 163 -12.89 -14.04 15.59
N ARG A 164 -13.80 -13.08 15.75
CA ARG A 164 -14.00 -12.29 17.00
C ARG A 164 -12.73 -11.52 17.37
N LEU A 165 -12.01 -11.02 16.38
CA LEU A 165 -10.74 -10.31 16.65
C LEU A 165 -11.00 -8.81 16.74
N LYS A 166 -10.27 -8.15 17.62
CA LYS A 166 -10.38 -6.71 17.80
C LYS A 166 -9.17 -6.04 17.15
N SER A 167 -9.40 -4.88 16.56
CA SER A 167 -8.32 -4.11 15.93
C SER A 167 -8.43 -2.66 16.35
N THR A 168 -7.32 -1.94 16.22
CA THR A 168 -7.40 -0.49 16.37
C THR A 168 -6.40 0.17 15.43
N CYS A 169 -6.51 1.50 15.33
CA CYS A 169 -5.63 2.32 14.52
C CYS A 169 -4.97 3.33 15.42
N ILE A 170 -3.64 3.40 15.38
CA ILE A 170 -2.84 4.23 16.27
C ILE A 170 -2.13 5.25 15.38
N TYR A 171 -2.45 6.53 15.54
CA TYR A 171 -1.95 7.53 14.59
C TYR A 171 -2.06 8.92 15.22
N GLY A 172 -1.22 9.83 14.74
CA GLY A 172 -1.19 11.18 15.28
C GLY A 172 -2.37 12.04 14.84
N GLY A 173 -2.51 13.18 15.53
CA GLY A 173 -3.50 14.17 15.17
C GLY A 173 -4.88 13.94 15.72
N ALA A 174 -5.14 12.77 16.30
CA ALA A 174 -6.39 12.40 16.94
C ALA A 174 -6.15 12.27 18.43
N PRO A 175 -7.16 12.43 19.27
CA PRO A 175 -6.94 12.34 20.72
C PRO A 175 -6.30 11.01 21.11
N LYS A 176 -5.38 11.06 22.08
CA LYS A 176 -4.74 9.83 22.56
C LYS A 176 -5.72 8.95 23.32
N GLY A 177 -6.64 9.55 24.07
CA GLY A 177 -7.48 8.78 24.99
C GLY A 177 -8.18 7.57 24.39
N PRO A 178 -8.91 7.76 23.28
CA PRO A 178 -9.62 6.62 22.68
C PRO A 178 -8.69 5.54 22.18
N GLN A 179 -7.50 5.94 21.70
CA GLN A 179 -6.51 4.96 21.27
C GLN A 179 -5.95 4.18 22.45
N ILE A 180 -5.67 4.87 23.56
CA ILE A 180 -5.24 4.21 24.79
C ILE A 180 -6.32 3.24 25.26
N ARG A 181 -7.60 3.66 25.18
CA ARG A 181 -8.69 2.77 25.56
C ARG A 181 -8.65 1.50 24.73
N ASP A 182 -8.51 1.64 23.41
CA ASP A 182 -8.54 0.44 22.56
C ASP A 182 -7.37 -0.48 22.89
N LEU A 183 -6.20 0.10 23.13
CA LEU A 183 -5.02 -0.71 23.42
C LEU A 183 -5.15 -1.44 24.75
N GLU A 184 -5.78 -0.79 25.74
CA GLU A 184 -5.91 -1.40 27.05
C GLU A 184 -7.02 -2.45 27.06
N ARG A 185 -8.04 -2.27 26.25
CA ARG A 185 -9.12 -3.28 26.11
C ARG A 185 -8.51 -4.54 25.51
N GLY A 186 -7.54 -4.38 24.62
CA GLY A 186 -6.89 -5.52 24.02
C GLY A 186 -7.24 -5.59 22.55
N VAL A 187 -6.23 -5.53 21.68
CA VAL A 187 -6.42 -5.73 20.24
C VAL A 187 -5.44 -6.80 19.80
N GLU A 188 -5.92 -7.75 19.01
CA GLU A 188 -5.03 -8.68 18.36
C GLU A 188 -4.31 -8.04 17.18
N ILE A 189 -4.94 -7.05 16.54
CA ILE A 189 -4.43 -6.39 15.35
C ILE A 189 -4.31 -4.91 15.64
N CYS A 190 -3.12 -4.36 15.44
CA CYS A 190 -2.87 -2.93 15.60
C CYS A 190 -2.30 -2.40 14.28
N ILE A 191 -2.95 -1.40 13.68
CA ILE A 191 -2.43 -0.69 12.51
C ILE A 191 -1.93 0.66 13.00
N ALA A 192 -0.70 1.05 12.63
CA ALA A 192 -0.16 2.28 13.20
C ALA A 192 0.68 3.06 12.22
N THR A 193 0.66 4.43 12.37
CA THR A 193 1.79 5.21 11.88
C THR A 193 2.87 5.26 12.95
N PRO A 194 4.14 5.47 12.59
CA PRO A 194 5.20 5.20 13.56
C PRO A 194 5.24 6.16 14.74
N GLY A 195 4.99 7.46 14.51
CA GLY A 195 5.25 8.43 15.57
C GLY A 195 4.38 8.21 16.80
N ARG A 196 3.07 8.06 16.58
CA ARG A 196 2.18 7.88 17.73
C ARG A 196 2.45 6.56 18.42
N LEU A 197 2.82 5.51 17.66
CA LEU A 197 3.16 4.24 18.30
C LEU A 197 4.40 4.38 19.18
N ILE A 198 5.42 5.07 18.68
CA ILE A 198 6.62 5.29 19.48
C ILE A 198 6.28 6.00 20.78
N ASP A 199 5.42 7.01 20.70
CA ASP A 199 4.92 7.74 21.88
C ASP A 199 4.31 6.77 22.90
N PHE A 200 3.42 5.90 22.43
CA PHE A 200 2.73 4.98 23.33
C PHE A 200 3.67 3.91 23.86
N LEU A 201 4.68 3.49 23.10
CA LEU A 201 5.63 2.50 23.61
C LEU A 201 6.47 3.12 24.72
N GLU A 202 6.88 4.37 24.52
CA GLU A 202 7.76 5.03 25.50
C GLU A 202 7.00 5.30 26.79
N SER A 203 5.71 5.58 26.70
CA SER A 203 4.92 5.92 27.88
C SER A 203 4.17 4.72 28.44
N GLY A 204 4.43 3.54 27.91
CA GLY A 204 3.87 2.32 28.47
C GLY A 204 2.39 2.10 28.22
N LYS A 205 1.81 2.68 27.17
CA LYS A 205 0.39 2.44 26.89
C LYS A 205 0.15 1.16 26.10
N THR A 206 1.19 0.61 25.46
CA THR A 206 1.12 -0.72 24.89
C THR A 206 2.52 -1.29 24.92
N ASN A 207 2.65 -2.53 24.46
CA ASN A 207 3.95 -3.16 24.40
C ASN A 207 3.92 -4.19 23.27
N LEU A 208 5.09 -4.67 22.90
CA LEU A 208 5.21 -5.56 21.75
C LEU A 208 5.67 -6.96 22.18
N ARG A 209 5.37 -7.35 23.41
CA ARG A 209 5.83 -8.66 23.87
C ARG A 209 5.02 -9.82 23.28
N ARG A 210 3.84 -9.58 22.71
CA ARG A 210 3.12 -10.64 22.01
C ARG A 210 3.18 -10.48 20.50
N CYS A 211 3.92 -9.49 20.01
CA CYS A 211 3.91 -9.20 18.57
C CYS A 211 4.80 -10.20 17.84
N THR A 212 4.18 -11.13 17.12
CA THR A 212 4.88 -12.16 16.39
C THR A 212 4.66 -12.06 14.90
N TYR A 213 3.85 -11.11 14.43
CA TYR A 213 3.57 -10.93 13.01
C TYR A 213 3.64 -9.42 12.74
N LEU A 214 4.75 -8.99 12.16
CA LEU A 214 5.05 -7.59 11.94
C LEU A 214 5.01 -7.33 10.45
N VAL A 215 4.18 -6.39 10.03
CA VAL A 215 4.04 -6.02 8.61
C VAL A 215 4.53 -4.60 8.44
N LEU A 216 5.42 -4.39 7.47
CA LEU A 216 5.77 -3.04 7.00
C LEU A 216 5.09 -2.90 5.65
N ASP A 217 3.99 -2.13 5.60
CA ASP A 217 3.38 -1.83 4.31
C ASP A 217 4.07 -0.59 3.74
N GLU A 218 4.02 -0.43 2.42
CA GLU A 218 4.80 0.62 1.76
C GLU A 218 6.25 0.60 2.25
N ALA A 219 6.84 -0.60 2.25
CA ALA A 219 8.07 -0.81 3.03
C ALA A 219 9.24 0.05 2.56
N ASP A 220 9.37 0.30 1.24
CA ASP A 220 10.49 1.14 0.78
C ASP A 220 10.36 2.57 1.29
N ARG A 221 9.13 3.08 1.40
CA ARG A 221 8.93 4.40 2.01
C ARG A 221 9.28 4.36 3.50
N MET A 222 8.92 3.28 4.19
CA MET A 222 9.19 3.19 5.63
C MET A 222 10.67 3.02 5.94
N LEU A 223 11.48 2.70 4.92
CA LEU A 223 12.92 2.56 5.09
C LEU A 223 13.67 3.78 4.57
N ASP A 224 12.95 4.86 4.24
CA ASP A 224 13.60 6.05 3.68
C ASP A 224 14.17 6.92 4.80
N MET A 225 14.76 8.05 4.39
CA MET A 225 15.53 8.87 5.32
C MET A 225 14.72 9.30 6.52
N GLY A 226 13.43 9.62 6.32
CA GLY A 226 12.63 10.14 7.41
C GLY A 226 12.05 9.05 8.29
N PHE A 227 11.73 7.90 7.71
CA PHE A 227 11.05 6.84 8.47
C PHE A 227 11.98 5.81 9.07
N GLU A 228 13.12 5.53 8.44
CA GLU A 228 13.95 4.42 8.93
C GLU A 228 14.31 4.53 10.41
N PRO A 229 14.65 5.70 10.97
CA PRO A 229 14.98 5.74 12.40
C PRO A 229 13.80 5.43 13.29
N GLN A 230 12.59 5.78 12.83
CA GLN A 230 11.39 5.43 13.56
C GLN A 230 11.14 3.93 13.52
N ILE A 231 11.24 3.33 12.33
CA ILE A 231 11.13 1.88 12.20
C ILE A 231 12.14 1.19 13.11
N ARG A 232 13.39 1.64 13.09
CA ARG A 232 14.42 0.99 13.89
C ARG A 232 14.07 1.06 15.37
N LYS A 233 13.59 2.22 15.84
CA LYS A 233 13.22 2.35 17.25
C LYS A 233 12.10 1.39 17.62
N ILE A 234 11.12 1.23 16.73
CA ILE A 234 10.01 0.31 17.01
C ILE A 234 10.51 -1.13 17.00
N VAL A 235 11.23 -1.53 15.95
CA VAL A 235 11.52 -2.94 15.75
C VAL A 235 12.54 -3.42 16.77
N ASP A 236 13.38 -2.50 17.29
CA ASP A 236 14.28 -2.85 18.37
C ASP A 236 13.54 -3.32 19.62
N GLN A 237 12.25 -3.00 19.75
CA GLN A 237 11.45 -3.39 20.90
C GLN A 237 10.66 -4.68 20.68
N ILE A 238 10.79 -5.32 19.52
CA ILE A 238 10.03 -6.53 19.21
C ILE A 238 10.93 -7.75 19.32
N ARG A 239 10.36 -8.85 19.80
CA ARG A 239 11.08 -10.12 19.92
C ARG A 239 11.71 -10.51 18.58
N PRO A 240 12.95 -11.01 18.57
CA PRO A 240 13.59 -11.37 17.29
C PRO A 240 13.04 -12.63 16.66
N ASP A 241 12.20 -13.40 17.36
CA ASP A 241 11.57 -14.58 16.79
C ASP A 241 10.31 -14.25 15.99
N ARG A 242 9.93 -12.98 15.93
CA ARG A 242 8.77 -12.55 15.16
C ARG A 242 8.97 -12.91 13.69
N GLN A 243 7.84 -12.99 12.99
CA GLN A 243 7.83 -13.00 11.53
C GLN A 243 7.70 -11.57 11.04
N THR A 244 8.49 -11.20 10.04
CA THR A 244 8.46 -9.86 9.46
C THR A 244 8.11 -9.96 7.98
N LEU A 245 7.14 -9.17 7.54
CA LEU A 245 6.62 -9.20 6.18
C LEU A 245 6.58 -7.79 5.63
N MET A 246 7.32 -7.53 4.55
CA MET A 246 7.40 -6.22 3.93
C MET A 246 6.72 -6.22 2.58
N TRP A 247 6.00 -5.14 2.24
CA TRP A 247 5.22 -5.12 1.02
C TRP A 247 5.32 -3.78 0.34
N SER A 248 5.35 -3.78 -1.00
CA SER A 248 5.29 -2.52 -1.74
C SER A 248 5.08 -2.78 -3.22
N ALA A 249 4.64 -1.74 -3.95
CA ALA A 249 4.69 -1.78 -5.41
C ALA A 249 6.08 -1.49 -5.95
N THR A 250 6.98 -0.96 -5.11
CA THR A 250 8.30 -0.58 -5.58
C THR A 250 9.36 -1.04 -4.58
N TRP A 251 10.48 -1.54 -5.09
CA TRP A 251 11.52 -2.12 -4.24
C TRP A 251 12.88 -1.77 -4.82
N PRO A 252 13.25 -0.49 -4.77
CA PRO A 252 14.51 -0.09 -5.38
C PRO A 252 15.69 -0.71 -4.64
N LYS A 253 16.78 -0.88 -5.38
CA LYS A 253 17.98 -1.54 -4.82
C LYS A 253 18.45 -0.86 -3.52
N GLU A 254 18.26 0.43 -3.48
CA GLU A 254 18.77 1.22 -2.34
C GLU A 254 18.18 0.78 -0.99
N VAL A 255 17.02 0.14 -0.97
CA VAL A 255 16.51 -0.23 0.35
C VAL A 255 16.77 -1.69 0.69
N ARG A 256 17.39 -2.45 -0.21
CA ARG A 256 17.39 -3.90 -0.04
C ARG A 256 18.36 -4.36 1.06
N GLN A 257 19.59 -3.83 1.07
CA GLN A 257 20.50 -4.24 2.14
C GLN A 257 20.01 -3.74 3.49
N LEU A 258 19.59 -2.48 3.55
CA LEU A 258 19.02 -1.92 4.77
C LEU A 258 17.87 -2.78 5.30
N ALA A 259 17.03 -3.33 4.40
CA ALA A 259 15.88 -4.10 4.87
C ALA A 259 16.32 -5.31 5.68
N GLU A 260 17.50 -5.86 5.38
CA GLU A 260 18.00 -7.04 6.08
C GLU A 260 18.25 -6.78 7.56
N ASP A 261 18.36 -5.51 7.98
CA ASP A 261 18.47 -5.27 9.42
C ASP A 261 17.23 -5.70 10.17
N PHE A 262 16.11 -5.87 9.46
CA PHE A 262 14.82 -6.13 10.08
C PHE A 262 14.25 -7.48 9.67
N LEU A 263 15.05 -8.30 8.99
CA LEU A 263 14.64 -9.60 8.46
C LEU A 263 15.61 -10.68 8.93
N ARG A 264 15.08 -11.91 9.06
CA ARG A 264 15.86 -13.13 9.38
C ARG A 264 15.37 -14.27 8.47
N ASP A 265 16.31 -14.91 7.78
CA ASP A 265 16.04 -15.97 6.80
C ASP A 265 14.81 -15.73 5.94
N TYR A 266 14.89 -14.80 5.01
CA TYR A 266 13.69 -14.29 4.36
C TYR A 266 13.64 -14.67 2.88
N THR A 267 12.44 -14.58 2.34
CA THR A 267 12.14 -14.89 0.94
C THR A 267 11.59 -13.66 0.25
N GLN A 268 12.10 -13.35 -0.94
CA GLN A 268 11.65 -12.20 -1.72
C GLN A 268 10.85 -12.68 -2.93
N ILE A 269 9.64 -12.13 -3.11
CA ILE A 269 8.80 -12.46 -4.25
C ILE A 269 8.38 -11.19 -4.97
N ASN A 270 8.19 -11.30 -6.29
CA ASN A 270 7.87 -10.19 -7.16
C ASN A 270 6.77 -10.60 -8.13
N VAL A 271 5.88 -9.67 -8.46
CA VAL A 271 4.90 -9.88 -9.53
C VAL A 271 5.16 -8.83 -10.60
N GLY A 272 5.24 -9.26 -11.86
CA GLY A 272 5.52 -8.35 -12.97
C GLY A 272 7.00 -8.29 -13.28
N ASN A 273 7.38 -7.31 -14.08
CA ASN A 273 8.80 -7.23 -14.40
C ASN A 273 9.61 -6.88 -13.15
N LEU A 274 10.87 -7.31 -13.14
CA LEU A 274 11.70 -7.11 -11.96
C LEU A 274 12.08 -5.64 -11.78
N GLU A 275 12.20 -4.90 -12.88
CA GLU A 275 12.47 -3.48 -12.82
C GLU A 275 11.27 -2.70 -12.29
N LEU A 276 11.51 -1.43 -11.98
CA LEU A 276 10.45 -0.53 -11.57
C LEU A 276 9.34 -0.54 -12.61
N SER A 277 8.10 -0.80 -12.16
CA SER A 277 7.04 -0.93 -13.15
C SER A 277 5.69 -0.45 -12.60
N ALA A 278 4.95 0.21 -13.46
CA ALA A 278 3.61 0.68 -13.14
C ALA A 278 2.59 -0.41 -13.43
N ASN A 279 1.37 -0.18 -12.95
CA ASN A 279 0.22 -1.00 -13.30
C ASN A 279 -0.12 -0.80 -14.77
N HIS A 280 -0.20 -1.90 -15.51
CA HIS A 280 -0.28 -1.80 -16.97
C HIS A 280 -1.68 -1.44 -17.45
N ASN A 281 -2.66 -1.36 -16.55
CA ASN A 281 -4.01 -0.91 -16.87
C ASN A 281 -4.15 0.60 -16.87
N ILE A 282 -3.05 1.34 -16.66
CA ILE A 282 -3.07 2.80 -16.67
C ILE A 282 -2.61 3.30 -18.02
N LEU A 283 -3.42 4.16 -18.66
CA LEU A 283 -2.99 4.90 -19.83
C LEU A 283 -2.16 6.08 -19.36
N GLN A 284 -0.88 6.10 -19.69
CA GLN A 284 0.07 7.09 -19.19
C GLN A 284 0.35 8.13 -20.26
N ILE A 285 -0.06 9.37 -20.02
CA ILE A 285 0.13 10.46 -20.95
C ILE A 285 1.07 11.47 -20.30
N VAL A 286 2.05 11.94 -21.07
CA VAL A 286 3.00 12.93 -20.59
C VAL A 286 2.95 14.12 -21.54
N ASP A 287 2.71 15.30 -20.99
CA ASP A 287 2.70 16.57 -21.72
C ASP A 287 3.94 17.34 -21.29
N VAL A 288 4.87 17.56 -22.23
CA VAL A 288 6.11 18.29 -21.97
C VAL A 288 5.83 19.76 -22.22
N CYS A 289 5.98 20.59 -21.18
CA CYS A 289 5.56 21.98 -21.28
C CYS A 289 6.42 22.84 -20.35
N MET A 290 6.30 24.16 -20.51
CA MET A 290 6.93 25.06 -19.56
C MET A 290 6.11 25.15 -18.29
N GLU A 291 6.77 25.52 -17.19
CA GLU A 291 6.06 25.68 -15.92
C GLU A 291 4.90 26.65 -16.06
N SER A 292 5.11 27.76 -16.78
CA SER A 292 4.08 28.77 -16.91
C SER A 292 2.86 28.28 -17.67
N GLU A 293 2.97 27.18 -18.42
CA GLU A 293 1.83 26.64 -19.17
C GLU A 293 0.93 25.73 -18.35
N LYS A 294 1.33 25.36 -17.12
CA LYS A 294 0.57 24.33 -16.41
C LYS A 294 -0.87 24.77 -16.14
N ASP A 295 -1.07 26.02 -15.70
CA ASP A 295 -2.41 26.41 -15.26
C ASP A 295 -3.42 26.27 -16.38
N HIS A 296 -3.13 26.89 -17.53
CA HIS A 296 -4.03 26.81 -18.66
C HIS A 296 -4.26 25.35 -19.04
N LYS A 297 -3.17 24.56 -19.09
CA LYS A 297 -3.32 23.19 -19.54
C LYS A 297 -4.19 22.41 -18.57
N LEU A 298 -4.05 22.68 -17.27
CA LEU A 298 -4.86 21.99 -16.29
C LEU A 298 -6.34 22.29 -16.53
N ILE A 299 -6.65 23.57 -16.75
CA ILE A 299 -8.05 23.91 -16.93
C ILE A 299 -8.60 23.23 -18.18
N GLN A 300 -7.81 23.21 -19.25
CA GLN A 300 -8.26 22.53 -20.47
C GLN A 300 -8.57 21.08 -20.14
N LEU A 301 -7.63 20.42 -19.45
CA LEU A 301 -7.82 19.02 -19.11
C LEU A 301 -9.07 18.83 -18.26
N MET A 302 -9.25 19.69 -17.25
CA MET A 302 -10.38 19.47 -16.36
C MET A 302 -11.69 19.70 -17.09
N GLU A 303 -11.71 20.62 -18.05
CA GLU A 303 -12.94 20.83 -18.81
C GLU A 303 -13.33 19.59 -19.57
N GLU A 304 -12.34 18.82 -20.05
CA GLU A 304 -12.69 17.58 -20.73
C GLU A 304 -13.08 16.51 -19.72
N ILE A 305 -12.41 16.47 -18.57
CA ILE A 305 -12.67 15.40 -17.61
C ILE A 305 -14.06 15.55 -17.02
N MET A 306 -14.42 16.77 -16.63
CA MET A 306 -15.67 16.98 -15.91
C MET A 306 -16.89 16.90 -16.81
N ALA A 307 -16.69 16.86 -18.13
CA ALA A 307 -17.77 16.56 -19.05
C ALA A 307 -18.11 15.08 -19.08
N GLU A 308 -17.26 14.22 -18.53
CA GLU A 308 -17.52 12.79 -18.50
C GLU A 308 -18.35 12.42 -17.28
N LYS A 309 -19.04 11.28 -17.37
CA LYS A 309 -19.86 10.82 -16.25
C LYS A 309 -19.00 10.39 -15.07
N GLU A 310 -18.01 9.53 -15.33
CA GLU A 310 -17.06 9.10 -14.32
C GLU A 310 -15.86 10.02 -14.39
N ASN A 311 -15.76 10.96 -13.45
CA ASN A 311 -14.78 12.04 -13.58
C ASN A 311 -13.96 12.24 -12.32
N LYS A 312 -13.97 11.31 -11.38
CA LYS A 312 -13.25 11.50 -10.13
C LYS A 312 -11.74 11.55 -10.39
N THR A 313 -11.09 12.60 -9.87
CA THR A 313 -9.73 12.98 -10.26
C THR A 313 -8.91 13.33 -9.03
N ILE A 314 -7.64 12.88 -9.00
CA ILE A 314 -6.67 13.35 -8.04
C ILE A 314 -5.61 14.15 -8.78
N ILE A 315 -5.28 15.33 -8.27
CA ILE A 315 -4.23 16.18 -8.81
C ILE A 315 -3.13 16.28 -7.77
N PHE A 316 -1.92 15.84 -8.12
CA PHE A 316 -0.78 15.89 -7.23
C PHE A 316 0.11 17.09 -7.52
N VAL A 317 0.57 17.73 -6.44
CA VAL A 317 1.50 18.86 -6.48
C VAL A 317 2.65 18.57 -5.53
N GLU A 318 3.73 19.34 -5.65
CA GLU A 318 4.95 19.03 -4.90
C GLU A 318 4.92 19.49 -3.44
N THR A 319 4.33 20.65 -3.12
CA THR A 319 4.42 21.19 -1.77
C THR A 319 3.04 21.47 -1.19
N LYS A 320 2.99 21.56 0.15
CA LYS A 320 1.76 21.92 0.83
C LYS A 320 1.30 23.31 0.42
N ARG A 321 2.25 24.23 0.24
CA ARG A 321 1.89 25.58 -0.19
C ARG A 321 1.25 25.58 -1.58
N ARG A 322 1.85 24.85 -2.52
CA ARG A 322 1.27 24.75 -3.86
C ARG A 322 -0.08 24.05 -3.83
N CYS A 323 -0.26 23.08 -2.92
CA CYS A 323 -1.55 22.42 -2.77
C CYS A 323 -2.62 23.41 -2.35
N ASP A 324 -2.34 24.18 -1.29
CA ASP A 324 -3.30 25.19 -0.83
C ASP A 324 -3.59 26.21 -1.92
N ASP A 325 -2.54 26.72 -2.58
CA ASP A 325 -2.71 27.77 -3.57
C ASP A 325 -3.50 27.28 -4.79
N LEU A 326 -3.18 26.09 -5.30
CA LEU A 326 -3.93 25.58 -6.44
C LEU A 326 -5.39 25.32 -6.07
N THR A 327 -5.64 24.81 -4.88
CA THR A 327 -7.02 24.55 -4.51
C THR A 327 -7.81 25.84 -4.41
N ARG A 328 -7.22 26.86 -3.79
CA ARG A 328 -7.93 28.13 -3.71
C ARG A 328 -8.18 28.70 -5.10
N ARG A 329 -7.17 28.64 -5.99
CA ARG A 329 -7.35 29.13 -7.36
C ARG A 329 -8.47 28.38 -8.07
N MET A 330 -8.55 27.07 -7.86
CA MET A 330 -9.58 26.29 -8.53
C MET A 330 -10.96 26.61 -7.96
N ARG A 331 -11.07 26.70 -6.64
CA ARG A 331 -12.36 26.94 -6.02
C ARG A 331 -12.87 28.33 -6.36
N ARG A 332 -11.97 29.30 -6.47
CA ARG A 332 -12.38 30.66 -6.86
C ARG A 332 -13.01 30.70 -8.24
N ASP A 333 -12.75 29.70 -9.08
CA ASP A 333 -13.38 29.61 -10.40
C ASP A 333 -14.51 28.60 -10.45
N GLY A 334 -15.03 28.16 -9.31
CA GLY A 334 -16.17 27.29 -9.29
C GLY A 334 -15.88 25.81 -9.46
N TRP A 335 -14.61 25.41 -9.39
CA TRP A 335 -14.34 23.97 -9.49
C TRP A 335 -14.57 23.31 -8.13
N PRO A 336 -15.23 22.15 -8.11
CA PRO A 336 -15.52 21.46 -6.84
C PRO A 336 -14.31 20.68 -6.33
N ALA A 337 -13.27 21.42 -5.98
CA ALA A 337 -11.99 20.84 -5.56
C ALA A 337 -11.81 21.01 -4.06
N MET A 338 -11.19 20.00 -3.44
CA MET A 338 -10.79 20.09 -2.05
C MET A 338 -9.37 19.56 -1.96
N CYS A 339 -8.66 19.87 -0.88
CA CYS A 339 -7.27 19.43 -0.81
C CYS A 339 -6.96 18.72 0.50
N ILE A 340 -5.89 17.94 0.44
CA ILE A 340 -5.39 17.23 1.60
C ILE A 340 -3.86 17.35 1.62
N HIS A 341 -3.33 17.73 2.77
CA HIS A 341 -1.89 17.82 2.98
C HIS A 341 -1.63 17.89 4.47
N GLY A 342 -0.35 17.84 4.83
CA GLY A 342 0.05 17.71 6.21
C GLY A 342 -0.11 18.95 7.07
N ASP A 343 -0.43 20.10 6.50
CA ASP A 343 -0.69 21.27 7.34
C ASP A 343 -2.16 21.40 7.73
N LYS A 344 -3.02 20.52 7.23
CA LYS A 344 -4.41 20.49 7.68
C LYS A 344 -4.54 19.72 8.98
N SER A 345 -5.54 20.09 9.79
CA SER A 345 -5.83 19.29 10.98
C SER A 345 -6.31 17.90 10.57
N GLN A 346 -6.09 16.92 11.46
CA GLN A 346 -6.52 15.57 11.12
C GLN A 346 -8.04 15.47 10.92
N PRO A 347 -8.89 16.16 11.70
CA PRO A 347 -10.32 16.13 11.34
C PRO A 347 -10.61 16.67 9.94
N GLU A 348 -9.88 17.71 9.50
CA GLU A 348 -10.06 18.20 8.15
C GLU A 348 -9.60 17.17 7.13
N ARG A 349 -8.45 16.54 7.39
CA ARG A 349 -7.94 15.53 6.45
C ARG A 349 -8.94 14.37 6.32
N ASP A 350 -9.43 13.87 7.46
CA ASP A 350 -10.44 12.80 7.47
C ASP A 350 -11.66 13.21 6.67
N TRP A 351 -12.18 14.42 6.95
CA TRP A 351 -13.41 14.86 6.29
C TRP A 351 -13.23 14.96 4.78
N VAL A 352 -12.13 15.57 4.33
CA VAL A 352 -11.90 15.72 2.90
C VAL A 352 -11.82 14.37 2.22
N LEU A 353 -11.05 13.45 2.80
CA LEU A 353 -10.92 12.17 2.12
C LEU A 353 -12.26 11.44 2.09
N ASN A 354 -13.07 11.56 3.14
CA ASN A 354 -14.38 10.92 3.12
C ASN A 354 -15.28 11.54 2.06
N GLU A 355 -15.22 12.87 1.90
CA GLU A 355 -15.97 13.53 0.84
C GLU A 355 -15.54 13.06 -0.53
N PHE A 356 -14.23 12.84 -0.71
CA PHE A 356 -13.72 12.34 -1.97
C PHE A 356 -14.18 10.92 -2.23
N ARG A 357 -14.15 10.08 -1.19
CA ARG A 357 -14.60 8.69 -1.34
C ARG A 357 -16.07 8.63 -1.72
N SER A 358 -16.89 9.51 -1.14
CA SER A 358 -18.31 9.49 -1.40
C SER A 358 -18.65 10.06 -2.78
N GLY A 359 -17.73 10.81 -3.39
CA GLY A 359 -18.01 11.46 -4.65
C GLY A 359 -18.64 12.83 -4.51
N LYS A 360 -18.94 13.27 -3.28
CA LYS A 360 -19.49 14.61 -3.09
C LYS A 360 -18.51 15.69 -3.54
N ALA A 361 -17.21 15.40 -3.47
CA ALA A 361 -16.20 16.28 -4.05
C ALA A 361 -15.38 15.45 -5.03
N PRO A 362 -15.56 15.67 -6.34
CA PRO A 362 -14.92 14.79 -7.32
C PRO A 362 -13.47 15.11 -7.61
N ILE A 363 -12.92 16.20 -7.08
CA ILE A 363 -11.55 16.62 -7.38
C ILE A 363 -10.79 16.75 -6.07
N LEU A 364 -9.74 15.93 -5.91
CA LEU A 364 -8.89 16.00 -4.74
C LEU A 364 -7.53 16.52 -5.18
N ILE A 365 -7.04 17.58 -4.54
CA ILE A 365 -5.70 18.10 -4.78
C ILE A 365 -4.84 17.73 -3.58
N ALA A 366 -3.68 17.15 -3.83
CA ALA A 366 -2.94 16.52 -2.75
C ALA A 366 -1.44 16.63 -2.95
N THR A 367 -0.72 16.61 -1.84
CA THR A 367 0.71 16.31 -1.83
C THR A 367 0.87 14.79 -1.87
N ASP A 368 2.12 14.36 -1.75
CA ASP A 368 2.38 12.92 -1.68
C ASP A 368 1.81 12.26 -0.43
N VAL A 369 1.19 13.01 0.49
CA VAL A 369 0.41 12.35 1.54
C VAL A 369 -0.62 11.37 0.97
N ALA A 370 -1.12 11.61 -0.26
CA ALA A 370 -2.13 10.73 -0.85
C ALA A 370 -1.56 9.83 -1.94
N SER A 371 -0.23 9.72 -2.03
CA SER A 371 0.38 9.02 -3.16
C SER A 371 0.42 7.52 -2.98
N ARG A 372 0.43 7.03 -1.74
CA ARG A 372 0.60 5.59 -1.51
C ARG A 372 -0.63 4.98 -0.84
N GLY A 373 -0.97 3.78 -1.33
CA GLY A 373 -1.83 2.87 -0.62
C GLY A 373 -3.31 3.17 -0.69
N LEU A 374 -3.69 4.45 -0.74
CA LEU A 374 -5.12 4.78 -0.71
C LEU A 374 -5.86 4.10 -1.85
N ASP A 375 -6.99 3.49 -1.51
CA ASP A 375 -7.78 2.67 -2.42
C ASP A 375 -9.16 3.29 -2.50
N VAL A 376 -9.35 4.20 -3.46
CA VAL A 376 -10.61 4.91 -3.69
C VAL A 376 -11.15 4.38 -5.02
N GLU A 377 -12.30 3.70 -4.97
CA GLU A 377 -12.59 2.69 -5.98
C GLU A 377 -12.74 3.28 -7.39
N ASP A 378 -13.35 4.46 -7.51
CA ASP A 378 -13.74 4.99 -8.82
C ASP A 378 -12.92 6.19 -9.26
N VAL A 379 -11.66 6.28 -8.84
CA VAL A 379 -10.79 7.32 -9.37
C VAL A 379 -10.50 6.99 -10.82
N LYS A 380 -10.80 7.91 -11.73
CA LYS A 380 -10.60 7.67 -13.15
C LYS A 380 -9.37 8.38 -13.70
N PHE A 381 -8.92 9.45 -13.05
CA PHE A 381 -7.85 10.28 -13.56
C PHE A 381 -6.91 10.67 -12.43
N VAL A 382 -5.62 10.55 -12.70
CA VAL A 382 -4.56 11.10 -11.86
C VAL A 382 -3.78 12.10 -12.69
N ILE A 383 -3.60 13.31 -12.17
CA ILE A 383 -2.87 14.37 -12.86
C ILE A 383 -1.67 14.73 -12.01
N ASN A 384 -0.47 14.59 -12.57
CA ASN A 384 0.75 15.09 -11.95
C ASN A 384 0.91 16.53 -12.42
N TYR A 385 0.33 17.45 -11.65
CA TYR A 385 0.55 18.87 -11.92
C TYR A 385 2.03 19.20 -11.80
N ASP A 386 2.68 18.69 -10.76
CA ASP A 386 4.13 18.69 -10.62
C ASP A 386 4.63 17.25 -10.74
N TYR A 387 5.67 17.05 -11.53
CA TYR A 387 6.33 15.75 -11.54
C TYR A 387 6.93 15.47 -10.17
N PRO A 388 6.90 14.23 -9.68
CA PRO A 388 7.35 13.94 -8.32
C PRO A 388 8.87 13.88 -8.21
N ASN A 389 9.34 13.66 -6.98
CA ASN A 389 10.77 13.68 -6.71
C ASN A 389 11.49 12.42 -7.18
N SER A 390 10.75 11.33 -7.45
CA SER A 390 11.38 10.09 -7.88
C SER A 390 10.44 9.33 -8.80
N SER A 391 11.01 8.41 -9.58
CA SER A 391 10.17 7.56 -10.42
C SER A 391 9.32 6.62 -9.58
N GLU A 392 9.81 6.20 -8.41
CA GLU A 392 8.96 5.39 -7.54
C GLU A 392 7.71 6.16 -7.12
N ASP A 393 7.89 7.44 -6.77
CA ASP A 393 6.73 8.25 -6.40
C ASP A 393 5.74 8.38 -7.55
N TYR A 394 6.26 8.50 -8.78
CA TYR A 394 5.40 8.53 -9.96
C TYR A 394 4.57 7.26 -10.08
N VAL A 395 5.22 6.09 -9.92
CA VAL A 395 4.48 4.82 -10.03
C VAL A 395 3.38 4.72 -8.97
N HIS A 396 3.68 5.16 -7.73
CA HIS A 396 2.63 5.10 -6.70
C HIS A 396 1.50 6.07 -6.99
N ARG A 397 1.83 7.32 -7.33
CA ARG A 397 0.79 8.31 -7.61
C ARG A 397 -0.16 7.83 -8.69
N ILE A 398 0.38 7.41 -9.83
CA ILE A 398 -0.53 7.04 -10.92
C ILE A 398 -1.31 5.79 -10.56
N GLY A 399 -0.78 4.96 -9.64
CA GLY A 399 -1.53 3.83 -9.12
C GLY A 399 -2.74 4.14 -8.25
N ARG A 400 -3.06 5.42 -8.00
CA ARG A 400 -4.32 5.67 -7.32
C ARG A 400 -5.51 5.41 -8.23
N THR A 401 -5.31 5.37 -9.56
CA THR A 401 -6.35 4.92 -10.46
C THR A 401 -6.05 3.46 -10.81
N ALA A 402 -6.93 2.83 -11.58
CA ALA A 402 -6.72 1.44 -12.04
C ALA A 402 -6.52 0.47 -10.87
N ARG A 403 -7.39 0.58 -9.86
CA ARG A 403 -7.42 -0.36 -8.73
C ARG A 403 -8.12 -1.64 -9.17
N SER A 404 -7.71 -2.75 -8.57
CA SER A 404 -8.30 -4.07 -8.84
C SER A 404 -8.23 -4.30 -10.36
N THR A 405 -9.32 -4.64 -11.02
CA THR A 405 -9.32 -4.89 -12.45
C THR A 405 -9.60 -3.63 -13.27
N ASN A 406 -9.89 -2.50 -12.61
CA ASN A 406 -10.27 -1.28 -13.32
C ASN A 406 -9.10 -0.71 -14.14
N LYS A 407 -9.47 0.07 -15.16
CA LYS A 407 -8.54 0.85 -15.95
C LYS A 407 -8.59 2.31 -15.50
N GLY A 408 -7.57 3.07 -15.88
CA GLY A 408 -7.58 4.49 -15.56
C GLY A 408 -6.57 5.21 -16.41
N THR A 409 -6.52 6.55 -16.24
CA THR A 409 -5.66 7.42 -17.04
C THR A 409 -4.84 8.33 -16.13
N ALA A 410 -3.57 8.48 -16.46
CA ALA A 410 -2.69 9.43 -15.79
C ALA A 410 -2.19 10.45 -16.80
N TYR A 411 -2.21 11.72 -16.42
CA TYR A 411 -1.70 12.84 -17.21
C TYR A 411 -0.64 13.54 -16.40
N THR A 412 0.56 13.71 -16.98
CA THR A 412 1.68 14.29 -16.27
C THR A 412 2.19 15.53 -17.01
N PHE A 413 2.37 16.63 -16.28
CA PHE A 413 3.05 17.81 -16.81
C PHE A 413 4.53 17.74 -16.45
N PHE A 414 5.38 17.66 -17.47
CA PHE A 414 6.81 17.45 -17.32
C PHE A 414 7.52 18.64 -17.95
N THR A 415 8.33 19.36 -17.16
CA THR A 415 8.96 20.57 -17.64
C THR A 415 10.45 20.36 -17.86
N PRO A 416 11.13 21.28 -18.54
CA PRO A 416 12.60 21.17 -18.62
C PRO A 416 13.27 21.14 -17.25
N GLY A 417 12.65 21.77 -16.25
CA GLY A 417 13.16 21.69 -14.89
C GLY A 417 13.20 20.28 -14.33
N ASN A 418 12.43 19.36 -14.90
CA ASN A 418 12.41 17.97 -14.48
C ASN A 418 13.39 17.11 -15.25
N LEU A 419 14.30 17.72 -16.04
CA LEU A 419 15.13 16.97 -16.99
C LEU A 419 15.81 15.74 -16.38
N LYS A 420 16.30 15.85 -15.16
CA LYS A 420 17.04 14.75 -14.50
C LYS A 420 16.19 13.50 -14.34
N GLN A 421 14.88 13.63 -14.28
CA GLN A 421 13.97 12.51 -14.09
C GLN A 421 13.58 11.87 -15.39
N ALA A 422 14.00 12.43 -16.53
CA ALA A 422 13.44 12.00 -17.79
C ALA A 422 13.84 10.56 -18.13
N ARG A 423 15.11 10.19 -17.93
CA ARG A 423 15.58 8.85 -18.31
C ARG A 423 14.73 7.78 -17.63
N GLU A 424 14.57 7.89 -16.31
CA GLU A 424 13.83 6.86 -15.60
C GLU A 424 12.35 6.89 -15.97
N LEU A 425 11.78 8.08 -16.23
CA LEU A 425 10.40 8.11 -16.66
C LEU A 425 10.24 7.39 -17.99
N ILE A 426 11.18 7.60 -18.91
CA ILE A 426 11.07 6.92 -20.21
C ILE A 426 11.10 5.42 -20.00
N LYS A 427 11.93 4.94 -19.06
CA LYS A 427 12.01 3.50 -18.82
C LYS A 427 10.69 2.97 -18.29
N VAL A 428 10.04 3.71 -17.39
CA VAL A 428 8.75 3.26 -16.87
C VAL A 428 7.72 3.22 -17.98
N LEU A 429 7.72 4.25 -18.84
CA LEU A 429 6.78 4.29 -19.93
C LEU A 429 7.02 3.12 -20.88
N GLU A 430 8.30 2.81 -21.13
CA GLU A 430 8.60 1.74 -22.09
C GLU A 430 8.20 0.41 -21.52
N GLU A 431 8.41 0.23 -20.21
CA GLU A 431 8.09 -1.07 -19.62
C GLU A 431 6.61 -1.35 -19.71
N ALA A 432 5.78 -0.31 -19.66
CA ALA A 432 4.34 -0.43 -19.70
C ALA A 432 3.79 -0.35 -21.12
N ASN A 433 4.67 -0.38 -22.13
CA ASN A 433 4.25 -0.35 -23.54
C ASN A 433 3.41 0.88 -23.86
N GLN A 434 3.81 2.03 -23.32
CA GLN A 434 3.11 3.29 -23.53
C GLN A 434 3.76 4.08 -24.65
N ALA A 435 2.96 4.88 -25.35
CA ALA A 435 3.52 5.79 -26.35
C ALA A 435 4.31 6.87 -25.65
N ILE A 436 5.51 7.16 -26.15
CA ILE A 436 6.38 8.16 -25.54
C ILE A 436 6.35 9.43 -26.36
N ASN A 437 5.99 10.52 -25.70
CA ASN A 437 5.98 11.85 -26.30
C ASN A 437 7.34 12.14 -26.92
N PRO A 438 7.40 12.47 -28.22
CA PRO A 438 8.70 12.79 -28.82
C PRO A 438 9.43 13.92 -28.13
N LYS A 439 8.71 14.89 -27.54
CA LYS A 439 9.39 15.96 -26.82
C LYS A 439 10.11 15.43 -25.59
N LEU A 440 9.57 14.38 -24.97
CA LEU A 440 10.27 13.76 -23.86
C LEU A 440 11.56 13.10 -24.32
N MET A 441 11.49 12.37 -25.45
CA MET A 441 12.69 11.76 -26.03
C MET A 441 13.72 12.83 -26.40
N GLN A 442 13.26 13.91 -27.03
CA GLN A 442 14.12 15.02 -27.42
C GLN A 442 14.77 15.69 -26.23
N LEU A 443 14.20 15.55 -25.04
CA LEU A 443 14.85 16.12 -23.84
C LEU A 443 16.09 15.32 -23.52
N VAL A 444 16.06 14.00 -23.63
CA VAL A 444 17.27 13.20 -23.32
C VAL A 444 18.36 13.42 -24.38
#